data_2BYC
#
_entry.id   2BYC
#
_cell.length_a   36.600
_cell.length_b   65.000
_cell.length_c   106.900
_cell.angle_alpha   90.00
_cell.angle_beta   90.00
_cell.angle_gamma   90.00
#
_symmetry.space_group_name_H-M   'P 21 21 21'
#
loop_
_entity.id
_entity.type
_entity.pdbx_description
1 polymer 'BLUE-LIGHT RECEPTOR OF THE BLUF-FAMILY'
2 non-polymer 'FLAVIN MONONUCLEOTIDE'
3 water water
#
_entity_poly.entity_id   1
_entity_poly.type   'polypeptide(L)'
_entity_poly.pdbx_seq_one_letter_code
;FMDELVSLTYRSRVRLADPVADIVQIMRASRVRNLRLGITGILLYNGVHFVQTIEGPRSACDELFRLISADPRHQEILAF
DLEPITARRFPDWSMRIVSRKELRALAPDLERLDLSGPEDVAELHRTIAASLSRGDA
;
_entity_poly.pdbx_strand_id   A,B
#
# COMPACT_ATOMS: atom_id res chain seq x y z
N PHE A 1 2.60 -0.69 -15.42
CA PHE A 1 2.77 -0.69 -13.94
C PHE A 1 2.23 0.57 -13.29
N MET A 2 2.54 1.72 -13.87
CA MET A 2 2.19 3.00 -13.31
C MET A 2 0.74 3.30 -13.52
N ASP A 3 0.11 2.58 -14.44
CA ASP A 3 -1.26 2.89 -14.85
C ASP A 3 -2.29 1.93 -14.24
N GLU A 4 -1.87 0.75 -13.88
CA GLU A 4 -2.80 -0.27 -13.41
C GLU A 4 -3.69 0.33 -12.28
N LEU A 5 -4.95 -0.08 -12.18
CA LEU A 5 -5.84 0.47 -11.18
C LEU A 5 -5.55 -0.21 -9.84
N VAL A 6 -5.39 0.60 -8.81
CA VAL A 6 -5.22 0.07 -7.43
C VAL A 6 -6.25 0.67 -6.47
N SER A 7 -6.43 0.04 -5.31
CA SER A 7 -7.21 0.65 -4.21
C SER A 7 -6.32 0.70 -2.98
N LEU A 8 -6.14 1.86 -2.37
CA LEU A 8 -5.42 1.93 -1.09
C LEU A 8 -6.34 2.37 0.01
N THR A 9 -6.22 1.77 1.20
CA THR A 9 -7.04 2.18 2.34
C THR A 9 -6.06 2.37 3.47
N TYR A 10 -6.18 3.49 4.19
CA TYR A 10 -5.35 3.81 5.32
C TYR A 10 -6.27 4.30 6.44
N ARG A 11 -5.77 4.27 7.65
CA ARG A 11 -6.48 4.70 8.85
C ARG A 11 -5.58 5.75 9.41
N SER A 12 -6.16 6.84 9.92
CA SER A 12 -5.41 7.89 10.62
C SER A 12 -6.19 8.38 11.78
N ARG A 13 -5.49 9.03 12.70
CA ARG A 13 -6.14 9.75 13.80
C ARG A 13 -6.47 11.14 13.41
N VAL A 14 -7.70 11.49 13.69
CA VAL A 14 -8.20 12.84 13.44
C VAL A 14 -7.40 13.88 14.20
N ARG A 15 -7.07 14.97 13.54
CA ARG A 15 -6.43 16.03 14.24
C ARG A 15 -6.97 17.38 13.77
N LEU A 16 -8.25 17.59 14.09
CA LEU A 16 -9.06 18.67 13.50
C LEU A 16 -9.26 19.84 14.49
N ALA A 17 -8.91 21.06 14.09
CA ALA A 17 -9.10 22.22 14.99
C ALA A 17 -10.60 22.43 15.08
N ASP A 18 -11.30 22.23 13.95
CA ASP A 18 -12.74 22.43 13.86
C ASP A 18 -13.26 21.51 12.81
N PRO A 19 -13.83 20.38 13.21
CA PRO A 19 -14.30 19.36 12.30
C PRO A 19 -15.13 19.84 11.10
N VAL A 20 -16.19 20.62 11.30
CA VAL A 20 -16.96 21.03 10.13
C VAL A 20 -16.08 21.80 9.15
N ALA A 21 -15.31 22.77 9.64
CA ALA A 21 -14.61 23.70 8.74
C ALA A 21 -13.48 22.96 8.10
N ASP A 22 -12.89 22.07 8.88
CA ASP A 22 -11.77 21.31 8.36
C ASP A 22 -12.27 20.29 7.33
N ILE A 23 -13.35 19.55 7.63
CA ILE A 23 -13.86 18.59 6.64
C ILE A 23 -14.44 19.23 5.37
N VAL A 24 -15.08 20.39 5.49
CA VAL A 24 -15.51 21.13 4.29
C VAL A 24 -14.33 21.47 3.36
N GLN A 25 -13.23 21.94 3.92
CA GLN A 25 -12.07 22.25 3.08
C GLN A 25 -11.48 20.97 2.48
N ILE A 26 -11.48 19.88 3.23
CA ILE A 26 -10.96 18.64 2.69
C ILE A 26 -11.83 18.20 1.57
N MET A 27 -13.16 18.31 1.68
CA MET A 27 -14.01 17.78 0.57
C MET A 27 -13.94 18.63 -0.62
N ARG A 28 -13.80 19.93 -0.39
CA ARG A 28 -13.74 20.87 -1.47
C ARG A 28 -12.47 20.60 -2.28
N ALA A 29 -11.33 20.55 -1.59
CA ALA A 29 -10.06 20.21 -2.16
C ALA A 29 -10.03 18.93 -2.94
N SER A 30 -10.61 17.87 -2.36
CA SER A 30 -10.51 16.54 -2.87
C SER A 30 -11.42 16.35 -4.08
N ARG A 31 -12.59 16.97 -4.06
CA ARG A 31 -13.47 16.84 -5.18
C ARG A 31 -12.76 17.34 -6.48
N VAL A 32 -12.03 18.44 -6.41
CA VAL A 32 -11.39 18.90 -7.63
C VAL A 32 -10.10 18.10 -8.04
N ARG A 33 -9.22 17.89 -7.06
CA ARG A 33 -8.02 17.06 -7.23
C ARG A 33 -8.34 15.65 -7.67
N ASN A 34 -9.22 14.97 -6.93
CA ASN A 34 -9.49 13.58 -7.35
C ASN A 34 -10.05 13.47 -8.77
N LEU A 35 -10.93 14.38 -9.11
CA LEU A 35 -11.51 14.39 -10.44
C LEU A 35 -10.41 14.47 -11.54
N ARG A 36 -9.43 15.33 -11.31
CA ARG A 36 -8.36 15.56 -12.26
C ARG A 36 -7.51 14.32 -12.27
N LEU A 37 -7.20 13.80 -11.10
CA LEU A 37 -6.24 12.70 -11.04
C LEU A 37 -6.82 11.37 -11.49
N GLY A 38 -8.12 11.30 -11.55
CA GLY A 38 -8.77 10.02 -11.82
C GLY A 38 -8.87 9.24 -10.50
N ILE A 39 -8.87 9.91 -9.37
CA ILE A 39 -9.16 9.17 -8.13
C ILE A 39 -10.64 9.13 -7.74
N THR A 40 -11.10 8.02 -7.16
CA THR A 40 -12.44 7.93 -6.61
C THR A 40 -12.32 7.21 -5.30
N GLY A 41 -13.30 7.36 -4.42
CA GLY A 41 -13.18 6.66 -3.15
C GLY A 41 -14.09 7.26 -2.08
N ILE A 42 -13.82 6.86 -0.85
CA ILE A 42 -14.69 7.20 0.25
C ILE A 42 -13.80 7.55 1.47
N LEU A 43 -14.28 8.46 2.29
CA LEU A 43 -13.65 8.82 3.52
C LEU A 43 -14.58 8.60 4.66
N LEU A 44 -14.16 7.83 5.64
CA LEU A 44 -15.03 7.51 6.75
C LEU A 44 -14.49 8.37 7.88
N TYR A 45 -15.39 9.01 8.61
CA TYR A 45 -14.99 9.87 9.67
C TYR A 45 -15.90 9.57 10.87
N ASN A 46 -15.36 9.25 12.06
CA ASN A 46 -16.25 8.87 13.22
C ASN A 46 -15.97 9.77 14.36
N GLY A 47 -15.19 10.80 14.10
CA GLY A 47 -14.86 11.76 15.12
C GLY A 47 -13.50 11.52 15.75
N VAL A 48 -12.93 10.35 15.55
CA VAL A 48 -11.64 10.03 16.20
C VAL A 48 -10.58 9.60 15.21
N HIS A 49 -11.00 8.85 14.20
CA HIS A 49 -10.12 8.23 13.22
C HIS A 49 -10.73 8.58 11.85
N PHE A 50 -9.93 8.67 10.80
CA PHE A 50 -10.47 8.61 9.38
C PHE A 50 -10.02 7.28 8.87
N VAL A 51 -10.87 6.70 8.04
CA VAL A 51 -10.47 5.54 7.21
C VAL A 51 -10.75 6.05 5.81
N GLN A 52 -9.73 6.06 4.97
CA GLN A 52 -9.89 6.52 3.59
C GLN A 52 -9.53 5.42 2.59
N THR A 53 -10.37 5.24 1.58
CA THR A 53 -10.09 4.34 0.46
C THR A 53 -10.03 5.20 -0.78
N ILE A 54 -8.94 5.13 -1.52
CA ILE A 54 -8.86 5.87 -2.81
C ILE A 54 -8.48 4.88 -3.83
N GLU A 55 -9.04 5.03 -5.02
CA GLU A 55 -8.78 4.00 -6.04
C GLU A 55 -8.57 4.76 -7.33
N GLY A 56 -7.67 4.27 -8.14
CA GLY A 56 -7.31 4.96 -9.37
C GLY A 56 -6.00 4.41 -9.87
N PRO A 57 -5.39 5.04 -10.88
CA PRO A 57 -4.05 4.64 -11.39
C PRO A 57 -2.97 4.50 -10.26
N ARG A 58 -2.16 3.46 -10.30
CA ARG A 58 -1.17 3.24 -9.20
C ARG A 58 -0.39 4.54 -8.90
N SER A 59 0.04 5.20 -9.97
CA SER A 59 0.86 6.40 -9.88
C SER A 59 0.09 7.56 -9.28
N ALA A 60 -1.19 7.69 -9.61
CA ALA A 60 -2.04 8.76 -8.99
C ALA A 60 -2.32 8.44 -7.52
N CYS A 61 -2.56 7.19 -7.18
CA CYS A 61 -2.75 6.91 -5.73
C CYS A 61 -1.50 7.21 -4.94
N ASP A 62 -0.34 6.78 -5.44
CA ASP A 62 0.97 7.11 -4.83
C ASP A 62 1.14 8.62 -4.56
N GLU A 63 0.85 9.44 -5.57
CA GLU A 63 0.93 10.86 -5.50
C GLU A 63 0.04 11.48 -4.44
N LEU A 64 -1.22 11.02 -4.44
CA LEU A 64 -2.21 11.53 -3.58
C LEU A 64 -1.87 11.15 -2.18
N PHE A 65 -1.51 9.89 -1.97
CA PHE A 65 -1.28 9.46 -0.62
C PHE A 65 -0.15 10.27 -0.06
N ARG A 66 0.80 10.66 -0.93
CA ARG A 66 1.95 11.44 -0.52
C ARG A 66 1.48 12.72 0.04
N LEU A 67 0.58 13.40 -0.66
CA LEU A 67 0.02 14.69 -0.25
C LEU A 67 -0.78 14.59 1.02
N ILE A 68 -1.67 13.63 1.05
CA ILE A 68 -2.54 13.39 2.17
C ILE A 68 -1.73 13.07 3.47
N SER A 69 -0.65 12.32 3.32
CA SER A 69 0.29 12.01 4.43
C SER A 69 1.02 13.25 4.91
N ALA A 70 1.16 14.25 4.05
CA ALA A 70 1.73 15.53 4.49
C ALA A 70 0.75 16.44 5.20
N ASP A 71 -0.51 16.00 5.35
CA ASP A 71 -1.57 16.81 5.96
C ASP A 71 -1.64 16.82 7.50
N PRO A 72 -1.56 18.01 8.08
CA PRO A 72 -1.50 18.05 9.54
C PRO A 72 -2.82 17.70 10.25
N ARG A 73 -3.93 17.54 9.51
CA ARG A 73 -5.22 17.39 10.15
C ARG A 73 -5.48 15.95 10.53
N HIS A 74 -4.46 15.10 10.40
CA HIS A 74 -4.52 13.73 10.92
C HIS A 74 -3.14 13.22 11.25
N GLN A 75 -3.04 12.18 12.06
CA GLN A 75 -1.75 11.64 12.48
C GLN A 75 -1.80 10.14 12.56
N GLU A 76 -0.63 9.55 12.79
CA GLU A 76 -0.47 8.13 12.93
C GLU A 76 -1.08 7.44 11.70
N ILE A 77 -0.72 7.90 10.53
CA ILE A 77 -1.35 7.34 9.29
C ILE A 77 -0.72 5.98 9.08
N LEU A 78 -1.56 4.98 8.83
CA LEU A 78 -0.99 3.73 8.49
C LEU A 78 -1.93 3.01 7.51
N ALA A 79 -1.35 2.55 6.43
CA ALA A 79 -2.09 1.87 5.39
C ALA A 79 -2.49 0.47 5.82
N PHE A 80 -3.73 0.15 5.49
CA PHE A 80 -4.27 -1.14 5.73
C PHE A 80 -3.89 -2.03 4.56
N ASP A 81 -4.09 -1.50 3.35
CA ASP A 81 -3.67 -2.31 2.24
C ASP A 81 -3.62 -1.49 0.98
N LEU A 82 -3.05 -2.12 -0.06
CA LEU A 82 -2.95 -1.53 -1.34
C LEU A 82 -3.09 -2.69 -2.28
N GLU A 83 -4.11 -2.64 -3.08
CA GLU A 83 -4.53 -3.80 -3.84
C GLU A 83 -4.78 -3.50 -5.27
N PRO A 84 -4.15 -4.22 -6.17
CA PRO A 84 -4.56 -4.06 -7.53
C PRO A 84 -6.01 -4.45 -7.68
N ILE A 85 -6.71 -3.75 -8.57
CA ILE A 85 -8.10 -4.06 -8.81
C ILE A 85 -8.50 -4.04 -10.27
N THR A 86 -9.51 -4.83 -10.63
CA THR A 86 -10.13 -4.96 -11.98
C THR A 86 -10.99 -3.73 -12.27
N ALA A 87 -11.81 -3.37 -11.29
CA ALA A 87 -12.81 -2.32 -11.51
C ALA A 87 -12.89 -1.51 -10.28
N ARG A 88 -13.14 -0.21 -10.37
CA ARG A 88 -13.51 0.60 -9.20
C ARG A 88 -14.68 0.07 -8.35
N ARG A 89 -14.54 0.22 -7.04
CA ARG A 89 -15.63 -0.07 -6.10
C ARG A 89 -16.57 1.14 -5.94
N PHE A 90 -16.05 2.38 -6.02
CA PHE A 90 -16.83 3.60 -5.88
C PHE A 90 -16.65 4.50 -7.08
N PRO A 91 -17.00 4.01 -8.27
CA PRO A 91 -16.71 4.77 -9.46
C PRO A 91 -17.44 6.11 -9.51
N ASP A 92 -18.55 6.24 -8.79
CA ASP A 92 -19.33 7.41 -9.00
C ASP A 92 -18.86 8.57 -8.15
N TRP A 93 -17.89 8.34 -7.26
CA TRP A 93 -17.52 9.34 -6.23
C TRP A 93 -16.06 9.61 -6.23
N SER A 94 -15.76 10.85 -6.52
CA SER A 94 -14.49 11.49 -6.38
C SER A 94 -13.96 11.35 -4.94
N MET A 95 -14.81 11.65 -3.95
CA MET A 95 -14.57 11.34 -2.51
C MET A 95 -15.98 11.46 -1.96
N ARG A 96 -16.51 10.41 -1.37
CA ARG A 96 -17.79 10.57 -0.69
C ARG A 96 -17.41 10.55 0.80
N ILE A 97 -17.90 11.48 1.61
CA ILE A 97 -17.56 11.39 3.04
C ILE A 97 -18.69 10.59 3.63
N VAL A 98 -18.32 9.72 4.56
CA VAL A 98 -19.26 8.91 5.29
C VAL A 98 -19.03 9.25 6.79
N SER A 99 -19.89 10.07 7.37
CA SER A 99 -19.65 10.56 8.74
C SER A 99 -20.20 9.64 9.81
N ARG A 100 -20.15 10.09 11.06
CA ARG A 100 -20.54 9.24 12.20
C ARG A 100 -21.93 8.66 12.05
N LYS A 101 -22.95 9.52 11.89
CA LYS A 101 -24.35 9.07 11.77
C LYS A 101 -24.55 8.00 10.72
N GLU A 102 -24.14 8.22 9.49
CA GLU A 102 -24.40 7.22 8.46
C GLU A 102 -23.59 5.95 8.64
N LEU A 103 -22.41 6.06 9.23
CA LEU A 103 -21.65 4.82 9.45
C LEU A 103 -22.37 4.02 10.54
N ARG A 104 -22.93 4.70 11.55
CA ARG A 104 -23.77 4.02 12.58
C ARG A 104 -24.88 3.19 11.93
N ALA A 105 -25.62 3.80 11.01
CA ALA A 105 -26.70 3.13 10.30
C ALA A 105 -26.24 2.03 9.34
N LEU A 106 -25.07 2.15 8.74
CA LEU A 106 -24.67 1.21 7.70
C LEU A 106 -23.81 0.05 8.16
N ALA A 107 -23.06 0.25 9.25
CA ALA A 107 -22.03 -0.70 9.70
C ALA A 107 -21.81 -0.49 11.20
N PRO A 108 -22.91 -0.66 11.95
CA PRO A 108 -22.99 -0.41 13.38
C PRO A 108 -21.82 -0.98 14.16
N ASP A 109 -21.32 -2.15 13.77
CA ASP A 109 -20.22 -2.78 14.55
C ASP A 109 -18.81 -2.27 14.21
N LEU A 110 -18.71 -1.53 13.11
CA LEU A 110 -17.42 -1.00 12.63
C LEU A 110 -17.23 0.50 12.90
N GLU A 111 -18.20 1.14 13.57
CA GLU A 111 -18.24 2.58 13.77
C GLU A 111 -16.94 3.05 14.43
N ARG A 112 -16.29 2.17 15.20
CA ARG A 112 -15.07 2.56 15.87
C ARG A 112 -13.93 2.70 14.89
N LEU A 113 -14.01 1.99 13.75
CA LEU A 113 -12.92 2.11 12.73
C LEU A 113 -11.53 1.71 13.31
N ASP A 114 -11.55 0.62 14.02
CA ASP A 114 -10.35 0.19 14.67
C ASP A 114 -9.59 -0.61 13.67
N LEU A 115 -10.33 -1.19 12.70
CA LEU A 115 -9.85 -2.17 11.73
C LEU A 115 -9.08 -3.35 12.36
N SER A 116 -9.52 -3.88 13.51
CA SER A 116 -8.79 -4.96 14.13
C SER A 116 -9.19 -6.28 13.57
N GLY A 117 -10.46 -6.34 13.16
CA GLY A 117 -10.97 -7.48 12.42
C GLY A 117 -10.23 -7.60 11.11
N PRO A 118 -9.98 -8.84 10.66
CA PRO A 118 -9.33 -9.00 9.37
C PRO A 118 -10.30 -8.79 8.18
N GLU A 119 -11.61 -8.70 8.43
CA GLU A 119 -12.52 -8.42 7.33
C GLU A 119 -13.29 -7.09 7.45
N ASP A 120 -12.79 -6.22 8.32
CA ASP A 120 -13.35 -4.90 8.54
C ASP A 120 -13.31 -4.03 7.29
N VAL A 121 -12.20 -4.02 6.56
CA VAL A 121 -12.18 -3.16 5.37
C VAL A 121 -13.13 -3.73 4.30
N ALA A 122 -13.03 -5.04 4.06
CA ALA A 122 -13.89 -5.70 3.12
C ALA A 122 -15.35 -5.47 3.46
N GLU A 123 -15.66 -5.56 4.73
CA GLU A 123 -17.01 -5.33 5.23
C GLU A 123 -17.47 -3.93 5.00
N LEU A 124 -16.62 -2.96 5.36
CA LEU A 124 -16.91 -1.55 5.11
C LEU A 124 -17.15 -1.35 3.64
N HIS A 125 -16.28 -1.92 2.82
CA HIS A 125 -16.42 -1.75 1.37
C HIS A 125 -17.75 -2.32 0.84
N ARG A 126 -18.09 -3.48 1.33
CA ARG A 126 -19.28 -4.18 0.94
C ARG A 126 -20.53 -3.40 1.34
N THR A 127 -20.60 -2.99 2.57
CA THR A 127 -21.83 -2.41 3.01
C THR A 127 -22.00 -1.01 2.47
N ILE A 128 -20.92 -0.25 2.46
CA ILE A 128 -20.96 1.09 1.81
C ILE A 128 -21.25 1.05 0.29
N ALA A 129 -20.46 0.31 -0.47
CA ALA A 129 -20.77 0.13 -1.93
C ALA A 129 -22.24 -0.20 -2.16
N ALA A 130 -22.76 -1.10 -1.33
CA ALA A 130 -24.11 -1.62 -1.48
C ALA A 130 -25.14 -0.56 -1.18
N SER A 131 -24.88 0.23 -0.17
CA SER A 131 -25.79 1.31 0.15
C SER A 131 -25.94 2.26 -1.05
N LEU A 132 -24.83 2.74 -1.58
CA LEU A 132 -24.79 3.38 -2.88
C LEU A 132 -25.19 2.24 -3.81
N SER A 133 -25.23 2.38 -5.12
CA SER A 133 -25.61 1.18 -5.92
C SER A 133 -27.11 1.03 -5.93
N ARG A 134 -27.72 0.87 -4.73
CA ARG A 134 -29.19 0.83 -4.54
C ARG A 134 -29.85 2.04 -5.18
N GLY A 135 -29.16 3.18 -5.07
CA GLY A 135 -29.61 4.41 -5.71
C GLY A 135 -29.22 4.60 -7.16
N ASP A 136 -28.59 3.60 -7.77
CA ASP A 136 -28.06 3.85 -9.07
C ASP A 136 -29.06 3.60 -10.24
N ALA A 137 -28.77 4.18 -11.40
CA ALA A 137 -29.34 3.83 -12.73
C ALA A 137 -30.80 4.02 -12.97
N PHE B 1 -4.24 -4.18 14.70
CA PHE B 1 -3.99 -3.46 13.40
C PHE B 1 -2.51 -3.13 13.19
N MET B 2 -1.94 -2.37 14.10
CA MET B 2 -0.52 -2.09 13.97
C MET B 2 0.33 -3.33 13.81
N ASP B 3 -0.13 -4.43 14.39
CA ASP B 3 0.71 -5.59 14.45
C ASP B 3 0.47 -6.75 13.52
N GLU B 4 -0.65 -6.76 12.86
CA GLU B 4 -0.98 -7.81 11.86
C GLU B 4 0.09 -7.97 10.84
N LEU B 5 0.29 -9.21 10.35
CA LEU B 5 1.24 -9.48 9.22
C LEU B 5 0.76 -8.92 7.88
N VAL B 6 1.67 -8.26 7.14
CA VAL B 6 1.34 -7.82 5.83
C VAL B 6 2.56 -8.10 5.02
N SER B 7 2.41 -8.12 3.70
CA SER B 7 3.52 -8.17 2.82
C SER B 7 3.44 -6.96 1.89
N LEU B 8 4.55 -6.26 1.62
CA LEU B 8 4.56 -5.10 0.78
C LEU B 8 5.55 -5.40 -0.25
N THR B 9 5.16 -5.20 -1.52
CA THR B 9 6.10 -5.29 -2.62
C THR B 9 6.17 -3.97 -3.34
N TYR B 10 7.33 -3.54 -3.78
CA TYR B 10 7.46 -2.29 -4.48
C TYR B 10 8.46 -2.52 -5.58
N ARG B 11 8.46 -1.60 -6.54
CA ARG B 11 9.43 -1.61 -7.61
C ARG B 11 10.04 -0.23 -7.73
N SER B 12 11.34 -0.17 -7.97
CA SER B 12 12.02 1.13 -8.04
C SER B 12 13.09 1.05 -9.08
N ARG B 13 13.61 2.22 -9.45
CA ARG B 13 14.74 2.26 -10.40
C ARG B 13 16.05 2.42 -9.69
N VAL B 14 17.02 1.59 -10.04
CA VAL B 14 18.26 1.55 -9.29
C VAL B 14 19.00 2.80 -9.68
N ARG B 15 19.68 3.37 -8.70
CA ARG B 15 20.52 4.51 -8.91
C ARG B 15 21.76 4.22 -8.06
N LEU B 16 22.66 3.42 -8.61
CA LEU B 16 23.82 2.94 -7.86
C LEU B 16 25.11 3.37 -8.50
N ALA B 17 25.99 4.04 -7.75
CA ALA B 17 27.27 4.40 -8.37
C ALA B 17 28.13 3.17 -8.60
N ASP B 18 27.96 2.17 -7.75
CA ASP B 18 28.86 1.07 -7.71
C ASP B 18 28.01 -0.12 -7.26
N PRO B 19 27.45 -0.88 -8.22
CA PRO B 19 26.51 -1.97 -7.91
C PRO B 19 27.03 -2.99 -6.90
N VAL B 20 28.27 -3.37 -7.04
CA VAL B 20 28.80 -4.37 -6.12
C VAL B 20 28.92 -3.72 -4.71
N ALA B 21 29.49 -2.55 -4.61
CA ALA B 21 29.72 -1.98 -3.28
C ALA B 21 28.40 -1.61 -2.61
N ASP B 22 27.46 -1.07 -3.42
CA ASP B 22 26.19 -0.59 -2.88
C ASP B 22 25.29 -1.73 -2.50
N ILE B 23 25.32 -2.81 -3.27
CA ILE B 23 24.47 -3.91 -2.96
C ILE B 23 25.04 -4.69 -1.81
N VAL B 24 26.36 -4.79 -1.68
CA VAL B 24 26.98 -5.36 -0.47
C VAL B 24 26.56 -4.53 0.80
N GLN B 25 26.72 -3.20 0.81
CA GLN B 25 26.18 -2.43 1.95
C GLN B 25 24.68 -2.73 2.22
N ILE B 26 23.85 -2.77 1.18
CA ILE B 26 22.39 -2.90 1.38
C ILE B 26 22.09 -4.28 2.00
N MET B 27 22.78 -5.27 1.52
CA MET B 27 22.53 -6.58 2.00
C MET B 27 22.96 -6.79 3.43
N ARG B 28 24.14 -6.23 3.78
CA ARG B 28 24.63 -6.19 5.17
C ARG B 28 23.70 -5.42 6.10
N ALA B 29 23.29 -4.20 5.70
CA ALA B 29 22.33 -3.41 6.49
C ALA B 29 21.04 -4.21 6.74
N SER B 30 20.45 -4.78 5.68
CA SER B 30 19.22 -5.55 5.80
C SER B 30 19.28 -6.83 6.66
N ARG B 31 20.33 -7.63 6.48
CA ARG B 31 20.60 -8.83 7.30
C ARG B 31 20.47 -8.59 8.80
N VAL B 32 20.81 -7.38 9.22
CA VAL B 32 20.75 -7.03 10.63
C VAL B 32 19.47 -6.33 10.99
N ARG B 33 19.18 -5.23 10.31
CA ARG B 33 17.97 -4.47 10.63
C ARG B 33 16.69 -5.30 10.58
N ASN B 34 16.47 -5.98 9.47
CA ASN B 34 15.33 -6.87 9.38
C ASN B 34 14.94 -7.92 10.47
N LEU B 35 15.80 -8.92 10.71
CA LEU B 35 15.70 -9.81 11.86
C LEU B 35 15.17 -9.07 13.11
N ARG B 36 15.81 -7.96 13.44
CA ARG B 36 15.54 -7.13 14.60
C ARG B 36 14.14 -6.46 14.47
N LEU B 37 13.65 -6.26 13.24
CA LEU B 37 12.32 -5.67 13.07
C LEU B 37 11.24 -6.67 12.77
N GLY B 38 11.62 -7.93 12.59
CA GLY B 38 10.66 -8.98 12.39
C GLY B 38 10.24 -8.92 10.90
N ILE B 39 11.17 -8.59 10.05
CA ILE B 39 10.93 -8.50 8.62
C ILE B 39 11.64 -9.61 7.91
N THR B 40 10.94 -10.21 6.90
CA THR B 40 11.50 -11.24 6.08
C THR B 40 11.20 -10.83 4.68
N GLY B 41 11.94 -11.34 3.72
CA GLY B 41 11.67 -10.91 2.35
C GLY B 41 12.74 -11.19 1.33
N ILE B 42 12.49 -10.67 0.13
CA ILE B 42 13.35 -10.95 -0.99
C ILE B 42 13.61 -9.65 -1.73
N LEU B 43 14.74 -9.56 -2.40
CA LEU B 43 15.00 -8.37 -3.11
C LEU B 43 15.51 -8.83 -4.43
N LEU B 44 14.79 -8.43 -5.48
CA LEU B 44 15.22 -8.78 -6.83
C LEU B 44 15.94 -7.62 -7.46
N TYR B 45 16.99 -7.97 -8.15
CA TYR B 45 17.85 -6.95 -8.76
C TYR B 45 18.26 -7.38 -10.19
N ASN B 46 17.94 -6.59 -11.22
CA ASN B 46 18.21 -7.05 -12.56
C ASN B 46 19.12 -6.09 -13.27
N GLY B 47 19.70 -5.18 -12.48
CA GLY B 47 20.67 -4.17 -12.91
C GLY B 47 20.02 -2.86 -13.36
N VAL B 48 18.69 -2.88 -13.47
CA VAL B 48 17.92 -1.72 -13.87
C VAL B 48 16.83 -1.33 -12.88
N HIS B 49 16.09 -2.31 -12.37
CA HIS B 49 15.09 -2.08 -11.34
C HIS B 49 15.41 -2.99 -10.16
N PHE B 50 14.88 -2.56 -9.02
CA PHE B 50 14.76 -3.40 -7.85
C PHE B 50 13.28 -3.66 -7.72
N VAL B 51 12.90 -4.87 -7.24
CA VAL B 51 11.58 -5.17 -6.81
C VAL B 51 11.90 -5.86 -5.51
N GLN B 52 11.26 -5.40 -4.43
CA GLN B 52 11.43 -6.07 -3.13
C GLN B 52 10.10 -6.34 -2.48
N THR B 53 10.03 -7.40 -1.64
CA THR B 53 8.87 -7.77 -0.92
C THR B 53 9.37 -7.94 0.48
N ILE B 54 8.73 -7.23 1.42
CA ILE B 54 9.09 -7.33 2.80
C ILE B 54 7.80 -7.75 3.46
N GLU B 55 7.89 -8.67 4.41
CA GLU B 55 6.72 -9.07 5.19
C GLU B 55 6.97 -8.93 6.72
N GLY B 56 5.93 -8.59 7.47
CA GLY B 56 6.10 -8.54 8.90
C GLY B 56 4.98 -7.74 9.47
N PRO B 57 5.10 -7.38 10.75
CA PRO B 57 3.96 -6.63 11.28
C PRO B 57 3.74 -5.27 10.55
N ARG B 58 2.49 -4.76 10.54
CA ARG B 58 2.18 -3.51 9.80
C ARG B 58 3.11 -2.39 10.11
N SER B 59 3.28 -2.09 11.38
CA SER B 59 4.04 -0.93 11.72
C SER B 59 5.46 -1.06 11.29
N ALA B 60 6.00 -2.26 11.43
CA ALA B 60 7.38 -2.59 11.07
C ALA B 60 7.63 -2.42 9.56
N CYS B 61 6.73 -2.90 8.73
CA CYS B 61 6.89 -2.75 7.28
C CYS B 61 6.75 -1.30 6.89
N ASP B 62 5.85 -0.60 7.59
CA ASP B 62 5.72 0.87 7.46
C ASP B 62 6.98 1.64 7.80
N GLU B 63 7.58 1.32 8.92
CA GLU B 63 8.84 2.00 9.27
C GLU B 63 9.96 1.71 8.25
N LEU B 64 10.17 0.44 7.93
CA LEU B 64 11.18 0.03 6.96
C LEU B 64 10.91 0.71 5.67
N PHE B 65 9.69 0.56 5.14
CA PHE B 65 9.38 1.19 3.84
C PHE B 65 9.72 2.68 3.77
N ARG B 66 9.38 3.44 4.81
CA ARG B 66 9.73 4.84 4.80
C ARG B 66 11.25 5.06 4.72
N LEU B 67 11.97 4.26 5.47
CA LEU B 67 13.39 4.34 5.49
C LEU B 67 13.92 4.02 4.11
N ILE B 68 13.50 2.89 3.61
CA ILE B 68 13.92 2.47 2.30
C ILE B 68 13.62 3.56 1.30
N SER B 69 12.47 4.19 1.45
CA SER B 69 12.08 5.23 0.47
C SER B 69 13.04 6.40 0.45
N ALA B 70 13.71 6.60 1.54
CA ALA B 70 14.59 7.72 1.78
C ALA B 70 15.94 7.45 1.19
N ASP B 71 16.20 6.21 0.75
CA ASP B 71 17.52 5.82 0.29
C ASP B 71 17.81 6.35 -1.11
N PRO B 72 18.90 7.06 -1.27
CA PRO B 72 19.22 7.61 -2.60
C PRO B 72 19.58 6.60 -3.65
N ARG B 73 19.76 5.34 -3.29
CA ARG B 73 20.24 4.38 -4.27
C ARG B 73 19.20 3.79 -5.20
N HIS B 74 17.98 4.30 -5.08
CA HIS B 74 16.96 4.05 -6.07
C HIS B 74 15.94 5.18 -6.07
N GLN B 75 15.15 5.23 -7.14
CA GLN B 75 14.22 6.33 -7.39
C GLN B 75 12.98 5.74 -8.03
N GLU B 76 11.95 6.56 -8.24
CA GLU B 76 10.73 6.21 -8.93
C GLU B 76 10.10 4.97 -8.18
N ILE B 77 10.08 5.02 -6.87
CA ILE B 77 9.66 3.87 -5.99
C ILE B 77 8.16 3.80 -6.00
N LEU B 78 7.58 2.67 -6.28
CA LEU B 78 6.17 2.68 -6.36
C LEU B 78 5.76 1.27 -5.83
N ALA B 79 4.96 1.24 -4.78
CA ALA B 79 4.38 -0.09 -4.31
C ALA B 79 3.50 -0.74 -5.36
N PHE B 80 3.66 -2.08 -5.50
CA PHE B 80 2.78 -2.95 -6.29
C PHE B 80 1.54 -3.28 -5.36
N ASP B 81 1.80 -3.64 -4.10
CA ASP B 81 0.67 -3.91 -3.23
C ASP B 81 1.15 -4.00 -1.80
N LEU B 82 0.20 -4.00 -0.89
CA LEU B 82 0.43 -4.12 0.53
C LEU B 82 -0.75 -4.98 0.95
N GLU B 83 -0.49 -6.22 1.33
CA GLU B 83 -1.62 -7.09 1.65
C GLU B 83 -1.47 -7.82 2.94
N PRO B 84 -2.53 -7.87 3.71
CA PRO B 84 -2.41 -8.60 4.93
C PRO B 84 -2.16 -10.03 4.57
N ILE B 85 -1.52 -10.84 5.39
CA ILE B 85 -1.35 -12.24 5.03
C ILE B 85 -1.48 -13.04 6.29
N THR B 86 -1.79 -14.33 6.17
CA THR B 86 -2.00 -15.26 7.31
C THR B 86 -0.61 -15.69 7.78
N ALA B 87 0.25 -16.01 6.84
CA ALA B 87 1.59 -16.32 7.27
C ALA B 87 2.66 -15.89 6.28
N ARG B 88 3.88 -15.76 6.78
CA ARG B 88 5.01 -15.35 5.95
C ARG B 88 5.26 -16.27 4.76
N ARG B 89 5.51 -15.68 3.59
CA ARG B 89 5.87 -16.42 2.44
C ARG B 89 7.33 -16.88 2.47
N PHE B 90 8.20 -16.10 3.14
CA PHE B 90 9.68 -16.29 3.13
C PHE B 90 10.21 -16.34 4.56
N PRO B 91 9.73 -17.28 5.37
CA PRO B 91 10.00 -17.15 6.81
C PRO B 91 11.47 -17.34 7.14
N ASP B 92 12.21 -17.91 6.21
CA ASP B 92 13.62 -18.30 6.51
C ASP B 92 14.61 -17.27 6.02
N TRP B 93 14.09 -16.23 5.39
CA TRP B 93 14.95 -15.21 4.82
C TRP B 93 14.79 -13.77 5.31
N SER B 94 15.77 -13.26 6.04
CA SER B 94 15.78 -11.87 6.45
C SER B 94 15.71 -10.95 5.22
N MET B 95 16.44 -11.30 4.18
CA MET B 95 16.28 -10.56 2.91
C MET B 95 17.15 -11.33 1.92
N ARG B 96 16.54 -12.21 1.17
CA ARG B 96 17.28 -13.04 0.22
C ARG B 96 17.40 -12.24 -1.02
N ILE B 97 18.63 -12.05 -1.54
CA ILE B 97 18.79 -11.21 -2.69
C ILE B 97 18.79 -12.16 -3.96
N VAL B 98 18.07 -11.78 -4.98
CA VAL B 98 18.03 -12.56 -6.27
C VAL B 98 18.58 -11.61 -7.35
N SER B 99 19.72 -11.92 -7.92
CA SER B 99 20.29 -11.02 -8.90
C SER B 99 20.02 -11.50 -10.35
N ARG B 100 20.59 -10.81 -11.35
CA ARG B 100 20.10 -11.00 -12.74
C ARG B 100 20.31 -12.38 -13.28
N LYS B 101 21.42 -12.99 -12.92
CA LYS B 101 21.71 -14.30 -13.47
C LYS B 101 20.68 -15.32 -12.97
N GLU B 102 20.40 -15.32 -11.68
CA GLU B 102 19.43 -16.26 -11.07
C GLU B 102 17.97 -15.97 -11.52
N LEU B 103 17.68 -14.70 -11.69
CA LEU B 103 16.33 -14.27 -12.08
C LEU B 103 16.05 -14.79 -13.48
N ARG B 104 17.06 -14.78 -14.31
CA ARG B 104 16.94 -15.29 -15.71
C ARG B 104 16.72 -16.81 -15.72
N ALA B 105 17.38 -17.50 -14.81
CA ALA B 105 17.29 -18.94 -14.62
C ALA B 105 15.94 -19.38 -14.05
N LEU B 106 15.38 -18.58 -13.16
CA LEU B 106 14.18 -18.99 -12.48
C LEU B 106 12.93 -18.47 -13.09
N ALA B 107 12.98 -17.29 -13.67
CA ALA B 107 11.78 -16.66 -14.16
C ALA B 107 12.14 -15.88 -15.39
N PRO B 108 12.61 -16.57 -16.43
CA PRO B 108 13.08 -15.87 -17.64
C PRO B 108 12.01 -14.90 -18.26
N ASP B 109 10.74 -15.27 -18.20
CA ASP B 109 9.66 -14.51 -18.75
C ASP B 109 9.49 -13.18 -18.00
N LEU B 110 10.02 -13.07 -16.79
CA LEU B 110 9.72 -11.93 -15.95
C LEU B 110 10.97 -11.16 -15.55
N GLU B 111 12.14 -11.51 -16.10
CA GLU B 111 13.44 -10.93 -15.77
C GLU B 111 13.54 -9.41 -15.95
N ARG B 112 12.59 -8.80 -16.68
CA ARG B 112 12.68 -7.37 -16.87
C ARG B 112 11.97 -6.62 -15.71
N LEU B 113 11.24 -7.34 -14.86
CA LEU B 113 10.63 -6.78 -13.60
C LEU B 113 9.77 -5.52 -13.90
N ASP B 114 9.08 -5.55 -15.02
CA ASP B 114 8.25 -4.40 -15.29
C ASP B 114 6.92 -4.63 -14.66
N LEU B 115 6.67 -5.87 -14.19
CA LEU B 115 5.51 -6.21 -13.41
C LEU B 115 4.27 -5.75 -14.18
N SER B 116 4.17 -6.17 -15.43
CA SER B 116 3.06 -5.69 -16.25
C SER B 116 1.97 -6.73 -16.23
N GLY B 117 2.33 -8.00 -16.15
CA GLY B 117 1.33 -9.05 -15.97
C GLY B 117 0.61 -8.80 -14.64
N PRO B 118 -0.72 -9.04 -14.60
CA PRO B 118 -1.33 -8.92 -13.26
C PRO B 118 -0.80 -9.96 -12.26
N GLU B 119 -0.27 -11.09 -12.77
CA GLU B 119 0.16 -12.24 -11.97
C GLU B 119 1.68 -12.36 -11.77
N ASP B 120 2.43 -11.39 -12.28
CA ASP B 120 3.88 -11.43 -12.21
C ASP B 120 4.47 -11.51 -10.77
N VAL B 121 3.91 -10.77 -9.84
CA VAL B 121 4.42 -10.82 -8.46
C VAL B 121 4.15 -12.19 -7.80
N ALA B 122 3.01 -12.73 -8.16
CA ALA B 122 2.49 -13.98 -7.62
C ALA B 122 3.44 -15.02 -8.12
N GLU B 123 3.88 -14.84 -9.36
CA GLU B 123 4.72 -15.83 -9.99
C GLU B 123 6.17 -15.74 -9.40
N LEU B 124 6.71 -14.52 -9.33
CA LEU B 124 8.01 -14.33 -8.73
C LEU B 124 8.00 -14.89 -7.29
N HIS B 125 6.90 -14.69 -6.55
CA HIS B 125 6.88 -15.16 -5.17
C HIS B 125 6.99 -16.71 -5.12
N ARG B 126 6.14 -17.41 -5.87
CA ARG B 126 6.18 -18.87 -5.80
C ARG B 126 7.46 -19.49 -6.41
N THR B 127 7.98 -18.94 -7.52
CA THR B 127 9.24 -19.50 -8.10
C THR B 127 10.44 -19.30 -7.16
N ILE B 128 10.45 -18.18 -6.42
CA ILE B 128 11.53 -17.87 -5.50
C ILE B 128 11.36 -18.59 -4.20
N ALA B 129 10.13 -18.71 -3.73
CA ALA B 129 9.84 -19.49 -2.56
C ALA B 129 10.21 -20.94 -2.82
N ALA B 130 9.96 -21.43 -4.05
CA ALA B 130 10.28 -22.84 -4.44
C ALA B 130 11.79 -23.10 -4.47
N SER B 131 12.59 -22.05 -4.43
CA SER B 131 14.01 -22.17 -4.24
C SER B 131 14.48 -22.41 -2.78
N LEU B 132 13.62 -22.50 -1.78
CA LEU B 132 14.15 -22.71 -0.42
C LEU B 132 14.73 -24.14 -0.16
#